data_4REP
#
_entry.id   4REP
#
_cell.length_a   48.369
_cell.length_b   72.835
_cell.length_c   68.137
_cell.angle_alpha   90.00
_cell.angle_beta   110.29
_cell.angle_gamma   90.00
#
_symmetry.space_group_name_H-M   'P 1 21 1'
#
loop_
_entity.id
_entity.type
_entity.pdbx_description
1 polymer 'Gamma-carotene desaturase'
2 non-polymer 'FLAVIN-ADENINE DINUCLEOTIDE'
3 non-polymer GLYCEROL
4 water water
#
_entity_poly.entity_id   1
_entity_poly.type   'polypeptide(L)'
_entity_poly.pdbx_seq_one_letter_code
;MKNAIVIGAGIGGLAAALRLRHQGYSVTIFEKNDYAGGKLHAIEKDGYRFDLGPSLFTLPHLVENLFALFPEEIIDFGYK
SKAISFHYFWDDGTLFKASTDSSQFIEDASKVFKEEKSTIKKYLAKSKSKYELTKSLFLEKSLHKATTYFSLDTVKAIVH
APFLGLNNTLNDENSKFKNPKLTQLFNRYATYNGSSPYQTPGIMTMIPHLELGLGTYYPDGGMHRISQSLFELAQKVGVK
FRFRESVTNITTSKNKVTGVETKNGSYLSDLVVSNMDIVPTYRNLMKDVPAPEKTLSQERSSSALIFYWGIDREFPELDL
HNILFSEDYKTEFEHIFEHKTLAQDPTVYINITSKESSNDAPAGHENWFVMINAPGDYGQDWEQLVEESKKQIIAKIKKC
LHVDISKHITTEYILTPQGIEKNTSSYRGALYGAASNNKFAAFLRHPNFNGKIKNLYHVGGSVHPGGGIPLCLLSAQITA
DLIQKEQLEHHHHHH
;
_entity_poly.pdbx_strand_id   A
#
loop_
_chem_comp.id
_chem_comp.type
_chem_comp.name
_chem_comp.formula
FAD non-polymer 'FLAVIN-ADENINE DINUCLEOTIDE' 'C27 H33 N9 O15 P2'
GOL non-polymer GLYCEROL 'C3 H8 O3'
#
# COMPACT_ATOMS: atom_id res chain seq x y z
N MET A 1 -10.57 34.00 2.78
CA MET A 1 -10.47 32.52 2.61
C MET A 1 -9.31 31.95 3.39
N LYS A 2 -9.53 30.81 4.04
CA LYS A 2 -8.49 30.19 4.86
C LYS A 2 -7.46 29.46 3.99
N ASN A 3 -6.24 29.30 4.50
CA ASN A 3 -5.24 28.47 3.77
C ASN A 3 -4.80 27.23 4.56
N ALA A 4 -4.46 26.21 3.78
CA ALA A 4 -3.96 24.95 4.30
C ALA A 4 -2.60 24.66 3.70
N ILE A 5 -1.74 24.12 4.53
CA ILE A 5 -0.49 23.61 4.07
C ILE A 5 -0.46 22.09 4.19
N VAL A 6 -0.14 21.43 3.10
CA VAL A 6 -0.03 19.95 3.12
C VAL A 6 1.44 19.58 3.04
N ILE A 7 1.89 18.80 4.02
CA ILE A 7 3.29 18.39 4.07
C ILE A 7 3.39 17.04 3.35
N GLY A 8 3.86 17.08 2.10
CA GLY A 8 4.12 15.94 1.24
C GLY A 8 3.05 15.68 0.19
N ALA A 9 3.52 15.32 -1.01
CA ALA A 9 2.71 15.08 -2.16
C ALA A 9 2.51 13.56 -2.36
N GLY A 10 2.39 12.78 -1.28
CA GLY A 10 1.99 11.37 -1.45
C GLY A 10 0.50 11.35 -1.89
N ILE A 11 -0.02 10.15 -2.17
CA ILE A 11 -1.43 10.01 -2.54
C ILE A 11 -2.41 10.56 -1.50
N GLY A 12 -2.07 10.35 -0.22
CA GLY A 12 -2.83 10.91 0.87
C GLY A 12 -2.81 12.43 0.82
N GLY A 13 -1.63 13.04 0.60
CA GLY A 13 -1.53 14.50 0.58
C GLY A 13 -2.18 15.16 -0.61
N LEU A 14 -2.02 14.54 -1.78
CA LEU A 14 -2.65 15.01 -2.97
C LEU A 14 -4.18 14.96 -2.84
N ALA A 15 -4.69 13.84 -2.35
CA ALA A 15 -6.12 13.67 -2.11
C ALA A 15 -6.67 14.74 -1.14
N ALA A 16 -5.97 14.91 -0.01
CA ALA A 16 -6.38 15.88 0.98
C ALA A 16 -6.42 17.30 0.37
N ALA A 17 -5.45 17.61 -0.49
CA ALA A 17 -5.30 18.93 -0.98
C ALA A 17 -6.51 19.18 -1.91
N LEU A 18 -6.79 18.18 -2.74
CA LEU A 18 -7.89 18.23 -3.67
C LEU A 18 -9.20 18.45 -2.92
N ARG A 19 -9.41 17.71 -1.83
CA ARG A 19 -10.60 17.89 -1.05
C ARG A 19 -10.73 19.27 -0.40
N LEU A 20 -9.63 19.80 0.12
CA LEU A 20 -9.64 21.09 0.79
C LEU A 20 -9.83 22.18 -0.24
N ARG A 21 -9.24 21.98 -1.40
CA ARG A 21 -9.50 22.88 -2.48
C ARG A 21 -10.99 22.91 -2.78
N HIS A 22 -11.63 21.75 -2.89
CA HIS A 22 -13.05 21.71 -3.26
C HIS A 22 -13.93 22.44 -2.31
N GLN A 23 -13.51 22.39 -1.06
CA GLN A 23 -14.15 23.10 0.01
C GLN A 23 -13.92 24.62 -0.05
N GLY A 24 -12.98 25.08 -0.87
CA GLY A 24 -12.66 26.51 -0.93
C GLY A 24 -11.41 26.99 -0.22
N TYR A 25 -10.64 26.13 0.43
CA TYR A 25 -9.34 26.59 0.94
C TYR A 25 -8.33 26.87 -0.20
N SER A 26 -7.43 27.83 0.02
CA SER A 26 -6.24 27.87 -0.82
C SER A 26 -5.26 26.87 -0.16
N VAL A 27 -4.45 26.21 -0.99
CA VAL A 27 -3.70 25.07 -0.56
C VAL A 27 -2.33 25.13 -1.17
N THR A 28 -1.33 24.88 -0.35
CA THR A 28 0.01 24.72 -0.81
C THR A 28 0.56 23.36 -0.32
N ILE A 29 1.13 22.60 -1.24
CA ILE A 29 1.80 21.38 -0.84
C ILE A 29 3.26 21.58 -0.91
N PHE A 30 3.91 21.30 0.21
CA PHE A 30 5.37 21.19 0.24
C PHE A 30 5.80 19.76 0.01
N GLU A 31 6.82 19.56 -0.82
CA GLU A 31 7.42 18.27 -1.09
C GLU A 31 8.95 18.23 -1.04
N LYS A 32 9.50 17.27 -0.34
CA LYS A 32 10.97 17.24 -0.29
C LYS A 32 11.57 16.88 -1.63
N ASN A 33 10.88 16.04 -2.39
CA ASN A 33 11.44 15.59 -3.64
C ASN A 33 11.19 16.63 -4.75
N ASP A 34 11.78 16.38 -5.91
CA ASP A 34 11.43 17.17 -7.14
C ASP A 34 10.34 16.50 -8.01
N TYR A 35 9.51 15.62 -7.42
CA TYR A 35 8.35 14.96 -8.05
C TYR A 35 7.22 14.75 -7.05
N ALA A 36 6.00 14.60 -7.59
CA ALA A 36 4.77 14.29 -6.81
C ALA A 36 4.52 12.78 -6.81
N GLY A 37 3.75 12.30 -5.82
CA GLY A 37 3.31 10.88 -5.76
C GLY A 37 3.91 9.97 -4.67
N GLY A 38 4.97 10.45 -4.05
CA GLY A 38 5.68 9.69 -3.04
C GLY A 38 6.09 8.34 -3.55
N LYS A 39 5.53 7.31 -2.94
CA LYS A 39 5.83 5.96 -3.35
C LYS A 39 5.36 5.59 -4.78
N LEU A 40 4.38 6.33 -5.30
CA LEU A 40 3.81 6.12 -6.65
C LEU A 40 4.60 6.97 -7.59
N HIS A 41 5.78 6.48 -7.90
CA HIS A 41 6.79 7.12 -8.69
C HIS A 41 7.20 6.09 -9.70
N ALA A 42 7.81 6.57 -10.78
CA ALA A 42 8.27 5.71 -11.87
C ALA A 42 9.60 6.19 -12.39
N ILE A 43 10.30 5.31 -13.09
CA ILE A 43 11.51 5.68 -13.77
C ILE A 43 11.58 5.11 -15.16
N GLU A 44 12.44 5.71 -15.96
CA GLU A 44 12.74 5.20 -17.29
C GLU A 44 14.25 5.00 -17.35
N LYS A 45 14.66 3.77 -17.65
CA LYS A 45 16.04 3.39 -17.57
C LYS A 45 16.42 2.45 -18.70
N ASP A 46 17.36 2.91 -19.54
CA ASP A 46 17.95 2.09 -20.58
C ASP A 46 16.93 1.38 -21.43
N GLY A 47 15.81 2.03 -21.72
CA GLY A 47 14.84 1.52 -22.63
C GLY A 47 13.61 0.88 -21.96
N TYR A 48 13.59 0.84 -20.63
CA TYR A 48 12.51 0.23 -19.82
C TYR A 48 11.87 1.20 -18.85
N ARG A 49 10.52 1.24 -18.77
CA ARG A 49 9.87 2.01 -17.72
C ARG A 49 9.56 1.07 -16.53
N PHE A 50 9.79 1.56 -15.33
CA PHE A 50 9.38 0.81 -14.13
C PHE A 50 8.55 1.70 -13.22
N ASP A 51 7.36 1.21 -12.84
CA ASP A 51 6.73 1.67 -11.59
C ASP A 51 7.58 1.27 -10.39
N LEU A 52 7.81 2.19 -9.47
CA LEU A 52 8.65 1.92 -8.32
C LEU A 52 7.94 1.33 -7.10
N GLY A 53 6.62 1.52 -6.99
CA GLY A 53 5.93 1.30 -5.72
C GLY A 53 4.74 0.39 -5.92
N PRO A 54 3.52 0.90 -5.64
CA PRO A 54 2.31 0.07 -5.87
C PRO A 54 2.21 -0.47 -7.29
N SER A 55 1.91 -1.74 -7.45
CA SER A 55 1.74 -2.38 -8.72
C SER A 55 0.30 -2.91 -8.99
N LEU A 56 -0.54 -2.98 -7.94
CA LEU A 56 -1.82 -3.56 -8.07
C LEU A 56 -2.94 -2.49 -7.96
N PHE A 57 -3.83 -2.49 -8.93
CA PHE A 57 -4.86 -1.50 -8.98
C PHE A 57 -6.22 -2.15 -8.71
N THR A 58 -6.74 -1.95 -7.50
CA THR A 58 -8.13 -2.36 -7.18
C THR A 58 -8.96 -1.14 -6.76
N LEU A 59 -10.28 -1.29 -6.68
CA LEU A 59 -11.15 -0.22 -6.15
C LEU A 59 -10.96 1.11 -6.89
N PRO A 60 -11.04 1.07 -8.21
CA PRO A 60 -10.75 2.31 -8.97
C PRO A 60 -11.74 3.48 -8.68
N HIS A 61 -12.94 3.18 -8.15
CA HIS A 61 -13.93 4.21 -7.83
C HIS A 61 -13.40 5.21 -6.80
N LEU A 62 -12.41 4.84 -6.03
CA LEU A 62 -11.90 5.76 -4.99
C LEU A 62 -11.05 6.86 -5.59
N VAL A 63 -10.33 6.54 -6.64
CA VAL A 63 -9.66 7.58 -7.41
C VAL A 63 -10.70 8.43 -8.19
N GLU A 64 -11.65 7.80 -8.86
CA GLU A 64 -12.69 8.54 -9.58
C GLU A 64 -13.46 9.51 -8.73
N ASN A 65 -13.64 9.21 -7.43
CA ASN A 65 -14.33 10.14 -6.54
C ASN A 65 -13.64 11.49 -6.45
N LEU A 66 -12.33 11.50 -6.68
CA LEU A 66 -11.54 12.71 -6.61
C LEU A 66 -11.75 13.52 -7.87
N PHE A 67 -11.68 12.90 -9.06
CA PHE A 67 -12.02 13.62 -10.30
C PHE A 67 -13.43 14.25 -10.29
N ALA A 68 -14.33 13.51 -9.65
CA ALA A 68 -15.74 13.85 -9.54
C ALA A 68 -15.97 15.14 -8.78
N LEU A 69 -14.98 15.58 -8.01
CA LEU A 69 -15.11 16.80 -7.24
C LEU A 69 -14.98 17.99 -8.19
N PHE A 70 -14.40 17.75 -9.35
CA PHE A 70 -14.08 18.81 -10.30
C PHE A 70 -14.50 18.33 -11.66
N PRO A 71 -15.80 18.10 -11.83
CA PRO A 71 -16.34 17.52 -13.04
C PRO A 71 -15.94 18.26 -14.35
N GLU A 72 -15.67 19.56 -14.27
CA GLU A 72 -15.32 20.35 -15.46
C GLU A 72 -13.90 20.18 -16.00
N GLU A 73 -12.96 19.70 -15.17
CA GLU A 73 -11.55 19.61 -15.61
C GLU A 73 -11.32 18.42 -16.59
N ILE A 74 -10.56 18.66 -17.65
CA ILE A 74 -10.19 17.64 -18.63
C ILE A 74 -8.94 16.86 -18.14
N ILE A 75 -9.12 15.71 -17.50
CA ILE A 75 -7.94 14.90 -17.09
C ILE A 75 -8.01 13.53 -17.74
N ASP A 76 -7.03 13.22 -18.58
CA ASP A 76 -7.06 11.90 -19.19
C ASP A 76 -6.54 10.91 -18.14
N PHE A 77 -7.47 10.12 -17.63
CA PHE A 77 -7.19 8.98 -16.78
C PHE A 77 -8.20 7.90 -17.09
N GLY A 78 -7.75 6.79 -17.62
CA GLY A 78 -8.62 5.66 -17.91
C GLY A 78 -7.92 4.39 -17.47
N TYR A 79 -8.67 3.29 -17.49
CA TYR A 79 -8.11 2.03 -17.06
C TYR A 79 -8.96 0.93 -17.67
N LYS A 80 -8.44 -0.29 -17.71
CA LYS A 80 -9.26 -1.41 -18.12
C LYS A 80 -9.36 -2.49 -17.05
N SER A 81 -10.38 -3.34 -17.15
CA SER A 81 -10.49 -4.50 -16.26
C SER A 81 -9.82 -5.69 -16.93
N LYS A 82 -9.15 -6.48 -16.12
CA LYS A 82 -8.50 -7.70 -16.58
C LYS A 82 -9.33 -8.95 -16.30
N ALA A 83 -9.30 -9.87 -17.25
CA ALA A 83 -9.77 -11.24 -17.06
C ALA A 83 -8.94 -12.11 -16.07
N ILE A 84 -7.66 -11.80 -15.92
CA ILE A 84 -6.75 -12.57 -15.06
C ILE A 84 -6.19 -11.65 -13.96
N SER A 85 -6.18 -12.12 -12.71
CA SER A 85 -5.66 -11.38 -11.57
C SER A 85 -4.16 -11.59 -11.47
N PHE A 86 -3.76 -12.82 -11.08
CA PHE A 86 -2.37 -13.25 -10.94
C PHE A 86 -2.15 -14.62 -11.62
N HIS A 87 -0.90 -14.93 -11.97
CA HIS A 87 -0.41 -16.31 -12.18
C HIS A 87 0.38 -16.77 -10.97
N TYR A 88 0.09 -17.96 -10.47
CA TYR A 88 0.81 -18.51 -9.31
C TYR A 88 1.62 -19.77 -9.68
N PHE A 89 2.88 -19.83 -9.26
CA PHE A 89 3.75 -20.96 -9.58
C PHE A 89 4.28 -21.54 -8.31
N TRP A 90 4.53 -22.85 -8.32
CA TRP A 90 5.23 -23.53 -7.25
C TRP A 90 6.43 -24.35 -7.86
N ASP A 91 7.42 -24.66 -7.03
CA ASP A 91 8.56 -25.46 -7.43
C ASP A 91 8.20 -26.80 -8.09
N ASP A 92 7.15 -27.48 -7.60
CA ASP A 92 6.75 -28.77 -8.19
C ASP A 92 6.07 -28.70 -9.52
N GLY A 93 5.93 -27.51 -10.11
CA GLY A 93 5.41 -27.41 -11.47
C GLY A 93 3.96 -26.94 -11.57
N THR A 94 3.29 -26.87 -10.43
CA THR A 94 1.91 -26.41 -10.37
C THR A 94 1.84 -24.94 -10.76
N LEU A 95 0.88 -24.65 -11.64
CA LEU A 95 0.60 -23.31 -12.10
C LEU A 95 -0.92 -23.09 -12.00
N PHE A 96 -1.29 -21.95 -11.43
CA PHE A 96 -2.68 -21.59 -11.34
C PHE A 96 -2.86 -20.21 -11.88
N LYS A 97 -3.64 -20.11 -12.95
CA LYS A 97 -3.93 -18.86 -13.56
C LYS A 97 -5.26 -18.41 -13.03
N ALA A 98 -5.30 -17.31 -12.30
CA ALA A 98 -6.45 -17.01 -11.50
C ALA A 98 -7.35 -15.97 -12.18
N SER A 99 -8.53 -16.42 -12.62
CA SER A 99 -9.53 -15.55 -13.17
C SER A 99 -10.14 -14.57 -12.13
N THR A 100 -10.53 -13.39 -12.64
CA THR A 100 -11.28 -12.37 -11.90
C THR A 100 -12.79 -12.63 -11.95
N ASP A 101 -13.21 -13.63 -12.75
CA ASP A 101 -14.60 -14.11 -12.75
C ASP A 101 -14.68 -15.18 -11.67
N SER A 102 -15.46 -14.92 -10.63
CA SER A 102 -15.40 -15.79 -9.44
C SER A 102 -15.86 -17.22 -9.79
N SER A 103 -16.91 -17.35 -10.61
CA SER A 103 -17.35 -18.69 -11.09
C SER A 103 -16.23 -19.51 -11.74
N GLN A 104 -15.53 -18.88 -12.67
CA GLN A 104 -14.34 -19.49 -13.33
C GLN A 104 -13.18 -19.75 -12.31
N PHE A 105 -12.97 -18.85 -11.35
CA PHE A 105 -11.90 -19.07 -10.36
C PHE A 105 -12.16 -20.37 -9.57
N ILE A 106 -13.39 -20.49 -9.08
CA ILE A 106 -13.79 -21.63 -8.26
C ILE A 106 -13.59 -22.97 -9.05
N GLU A 107 -14.04 -23.00 -10.29
CA GLU A 107 -13.92 -24.17 -11.19
C GLU A 107 -12.48 -24.52 -11.49
N ASP A 108 -11.68 -23.50 -11.87
CA ASP A 108 -10.25 -23.69 -12.13
C ASP A 108 -9.48 -24.15 -10.91
N ALA A 109 -9.68 -23.43 -9.82
CA ALA A 109 -9.03 -23.73 -8.55
C ALA A 109 -9.39 -25.15 -8.11
N SER A 110 -10.65 -25.49 -8.32
CA SER A 110 -11.10 -26.84 -7.94
C SER A 110 -10.26 -27.91 -8.67
N LYS A 111 -10.11 -27.76 -9.98
CA LYS A 111 -9.36 -28.75 -10.80
C LYS A 111 -7.88 -28.70 -10.54
N VAL A 112 -7.32 -27.49 -10.49
CA VAL A 112 -5.87 -27.36 -10.29
C VAL A 112 -5.43 -27.87 -8.93
N PHE A 113 -6.20 -27.59 -7.87
CA PHE A 113 -5.81 -27.95 -6.51
C PHE A 113 -6.47 -29.25 -6.03
N LYS A 114 -7.31 -29.86 -6.89
CA LYS A 114 -8.07 -31.04 -6.50
C LYS A 114 -8.83 -30.77 -5.18
N GLU A 115 -9.59 -29.67 -5.13
CA GLU A 115 -10.24 -29.18 -3.93
C GLU A 115 -11.72 -29.04 -4.21
N GLU A 116 -12.56 -29.38 -3.24
CA GLU A 116 -14.04 -29.32 -3.43
C GLU A 116 -14.46 -27.90 -3.81
N LYS A 117 -15.23 -27.74 -4.90
CA LYS A 117 -15.77 -26.40 -5.27
C LYS A 117 -16.54 -25.69 -4.17
N SER A 118 -17.34 -26.47 -3.43
CA SER A 118 -18.15 -25.86 -2.42
C SER A 118 -17.26 -25.13 -1.40
N THR A 119 -16.10 -25.69 -1.08
CA THR A 119 -15.16 -25.06 -0.10
C THR A 119 -14.65 -23.69 -0.54
N ILE A 120 -14.29 -23.62 -1.82
CA ILE A 120 -13.75 -22.43 -2.43
C ILE A 120 -14.88 -21.43 -2.58
N LYS A 121 -16.08 -21.93 -2.92
CA LYS A 121 -17.19 -21.06 -3.09
C LYS A 121 -17.57 -20.39 -1.78
N LYS A 122 -17.66 -21.18 -0.73
CA LYS A 122 -18.07 -20.66 0.58
C LYS A 122 -17.08 -19.64 1.14
N TYR A 123 -15.81 -19.94 0.94
CA TYR A 123 -14.74 -19.01 1.34
C TYR A 123 -14.81 -17.68 0.67
N LEU A 124 -14.92 -17.67 -0.67
CA LEU A 124 -15.10 -16.40 -1.38
C LEU A 124 -16.36 -15.64 -1.00
N ALA A 125 -17.47 -16.32 -0.78
CA ALA A 125 -18.69 -15.62 -0.39
C ALA A 125 -18.54 -15.05 1.02
N LYS A 126 -17.84 -15.75 1.88
CA LYS A 126 -17.58 -15.23 3.24
C LYS A 126 -16.65 -13.97 3.18
N SER A 127 -15.70 -14.04 2.29
CA SER A 127 -14.76 -12.92 2.05
C SER A 127 -15.53 -11.66 1.62
N LYS A 128 -16.45 -11.86 0.69
CA LYS A 128 -17.38 -10.84 0.26
C LYS A 128 -18.16 -10.29 1.43
N SER A 129 -18.78 -11.18 2.23
CA SER A 129 -19.65 -10.65 3.31
C SER A 129 -18.84 -9.89 4.34
N LYS A 130 -17.63 -10.38 4.59
CA LYS A 130 -16.67 -9.64 5.47
C LYS A 130 -16.37 -8.24 4.98
N TYR A 131 -16.04 -8.11 3.70
CA TYR A 131 -15.83 -6.81 3.14
C TYR A 131 -17.07 -5.88 3.33
N GLU A 132 -18.24 -6.37 2.96
CA GLU A 132 -19.44 -5.53 2.97
C GLU A 132 -19.80 -5.09 4.40
N LEU A 133 -19.66 -6.03 5.34
CA LEU A 133 -19.86 -5.74 6.76
C LEU A 133 -18.86 -4.76 7.30
N THR A 134 -17.57 -5.00 7.00
CA THR A 134 -16.54 -4.06 7.43
C THR A 134 -16.74 -2.68 6.80
N LYS A 135 -17.09 -2.61 5.52
CA LYS A 135 -17.35 -1.33 4.85
C LYS A 135 -18.51 -0.62 5.52
N SER A 136 -19.60 -1.36 5.71
CA SER A 136 -20.86 -0.78 6.25
C SER A 136 -20.68 -0.31 7.67
N LEU A 137 -20.04 -1.15 8.46
CA LEU A 137 -19.89 -0.91 9.87
C LEU A 137 -18.76 0.02 10.25
N PHE A 138 -17.62 0.01 9.58
CA PHE A 138 -16.52 0.79 10.11
C PHE A 138 -16.00 1.84 9.16
N LEU A 139 -16.21 1.69 7.87
CA LEU A 139 -15.62 2.62 6.93
C LEU A 139 -16.66 3.66 6.55
N GLU A 140 -17.95 3.40 6.82
CA GLU A 140 -19.01 4.36 6.53
C GLU A 140 -19.57 5.02 7.80
N LYS A 141 -19.14 4.56 8.97
CA LYS A 141 -19.57 5.20 10.22
C LYS A 141 -19.45 6.73 10.15
N SER A 142 -20.31 7.41 10.90
CA SER A 142 -20.32 8.87 10.97
C SER A 142 -19.30 9.37 12.00
N LEU A 143 -19.16 10.67 12.10
CA LEU A 143 -18.20 11.29 13.00
C LEU A 143 -18.83 12.01 14.23
N HIS A 144 -20.13 11.83 14.42
CA HIS A 144 -20.83 12.42 15.55
C HIS A 144 -20.08 12.33 16.90
N LYS A 145 -19.37 11.27 17.16
CA LYS A 145 -18.87 11.07 18.50
C LYS A 145 -17.57 11.83 18.85
N ALA A 146 -17.60 12.68 19.88
CA ALA A 146 -16.42 13.47 20.23
C ALA A 146 -16.01 13.35 21.71
N THR A 147 -14.85 13.91 22.05
CA THR A 147 -14.37 13.87 23.44
C THR A 147 -12.96 14.44 23.64
N THR A 148 -12.67 14.80 24.89
CA THR A 148 -11.33 15.33 25.32
C THR A 148 -10.09 14.33 25.36
N TYR A 149 -10.30 13.00 25.43
CA TYR A 149 -9.20 12.01 25.45
C TYR A 149 -9.45 10.82 24.48
N PHE A 150 -8.45 9.93 24.31
CA PHE A 150 -8.55 8.79 23.35
C PHE A 150 -9.51 7.67 23.85
N SER A 151 -10.12 6.91 22.91
CA SER A 151 -11.15 5.88 23.23
C SER A 151 -11.15 4.64 22.31
N LEU A 152 -11.79 3.53 22.75
CA LEU A 152 -11.82 2.25 21.99
C LEU A 152 -12.99 2.17 20.98
N ASP A 153 -14.19 2.60 21.40
CA ASP A 153 -15.34 2.81 20.49
C ASP A 153 -15.78 1.61 19.63
N THR A 154 -15.47 0.39 20.04
CA THR A 154 -15.86 -0.73 19.22
C THR A 154 -16.18 -1.97 20.03
N VAL A 155 -17.34 -1.85 20.63
CA VAL A 155 -18.13 -2.98 21.02
C VAL A 155 -18.64 -3.67 19.73
N LYS A 156 -19.08 -2.92 18.72
CA LYS A 156 -19.46 -3.57 17.44
C LYS A 156 -18.38 -4.54 16.92
N ALA A 157 -17.11 -4.15 17.00
CA ALA A 157 -16.03 -5.06 16.59
C ALA A 157 -16.15 -6.38 17.36
N ILE A 158 -16.41 -6.30 18.68
CA ILE A 158 -16.54 -7.51 19.51
C ILE A 158 -17.84 -8.29 19.19
N VAL A 159 -18.95 -7.59 18.97
CA VAL A 159 -20.17 -8.27 18.49
C VAL A 159 -19.88 -9.12 17.29
N HIS A 160 -19.15 -8.55 16.34
CA HIS A 160 -18.97 -9.17 15.05
C HIS A 160 -17.69 -9.92 14.88
N ALA A 161 -16.84 -9.92 15.92
CA ALA A 161 -15.58 -10.63 15.86
C ALA A 161 -15.69 -12.10 15.40
N PRO A 162 -16.68 -12.89 15.93
CA PRO A 162 -16.79 -14.30 15.46
C PRO A 162 -17.02 -14.43 13.95
N PHE A 163 -17.95 -13.66 13.39
CA PHE A 163 -18.12 -13.67 11.93
C PHE A 163 -16.86 -13.15 11.19
N LEU A 164 -16.25 -12.08 11.67
CA LEU A 164 -15.17 -11.45 10.90
C LEU A 164 -13.87 -12.23 11.01
N GLY A 165 -13.75 -13.05 12.05
CA GLY A 165 -12.54 -13.83 12.31
C GLY A 165 -11.49 -13.05 13.07
N LEU A 166 -11.93 -12.07 13.85
CA LEU A 166 -11.04 -11.17 14.54
C LEU A 166 -10.23 -11.83 15.65
N ASN A 167 -10.79 -12.88 16.27
CA ASN A 167 -10.13 -13.66 17.32
C ASN A 167 -9.27 -14.84 16.88
N ASN A 168 -9.16 -15.07 15.59
CA ASN A 168 -8.21 -16.09 15.10
C ASN A 168 -7.26 -15.43 14.09
N THR A 169 -6.32 -16.21 13.53
CA THR A 169 -5.29 -15.68 12.64
C THR A 169 -5.80 -15.92 11.23
N LEU A 170 -5.20 -15.25 10.23
CA LEU A 170 -5.56 -15.53 8.83
C LEU A 170 -5.34 -17.03 8.45
N ASN A 171 -4.20 -17.56 8.88
CA ASN A 171 -3.87 -18.93 8.62
C ASN A 171 -4.88 -19.92 9.29
N ASP A 172 -5.39 -19.58 10.47
CA ASP A 172 -6.47 -20.41 11.08
C ASP A 172 -7.64 -20.60 10.10
N GLU A 173 -8.05 -19.55 9.36
CA GLU A 173 -9.15 -19.68 8.46
C GLU A 173 -8.73 -20.29 7.13
N ASN A 174 -7.54 -19.94 6.68
CA ASN A 174 -7.03 -20.50 5.42
C ASN A 174 -6.63 -21.95 5.45
N SER A 175 -6.43 -22.47 6.65
CA SER A 175 -6.14 -23.90 6.86
C SER A 175 -7.40 -24.81 6.71
N LYS A 176 -8.55 -24.22 6.43
CA LYS A 176 -9.76 -24.98 6.07
C LYS A 176 -9.58 -25.70 4.74
N PHE A 177 -8.78 -25.11 3.83
CA PHE A 177 -8.53 -25.78 2.56
C PHE A 177 -7.69 -27.01 2.81
N LYS A 178 -7.95 -28.05 2.03
CA LYS A 178 -7.13 -29.26 2.18
C LYS A 178 -5.77 -29.19 1.49
N ASN A 179 -5.75 -28.69 0.27
CA ASN A 179 -4.48 -28.41 -0.41
C ASN A 179 -3.66 -27.21 0.22
N PRO A 180 -2.46 -27.49 0.74
CA PRO A 180 -1.68 -26.45 1.42
C PRO A 180 -1.24 -25.32 0.49
N LYS A 181 -1.28 -25.57 -0.80
CA LYS A 181 -1.00 -24.55 -1.76
C LYS A 181 -2.10 -23.53 -1.75
N LEU A 182 -3.35 -23.96 -1.48
CA LEU A 182 -4.45 -23.05 -1.45
C LEU A 182 -4.39 -22.24 -0.11
N THR A 183 -3.99 -22.92 0.96
CA THR A 183 -3.76 -22.22 2.21
C THR A 183 -2.70 -21.14 2.01
N GLN A 184 -1.58 -21.48 1.37
CA GLN A 184 -0.59 -20.48 1.03
C GLN A 184 -1.10 -19.31 0.17
N LEU A 185 -1.86 -19.63 -0.87
CA LEU A 185 -2.33 -18.63 -1.80
C LEU A 185 -3.11 -17.57 -1.05
N PHE A 186 -3.97 -18.01 -0.14
CA PHE A 186 -4.74 -17.07 0.60
C PHE A 186 -4.04 -16.45 1.76
N ASN A 187 -3.02 -17.12 2.28
CA ASN A 187 -2.14 -16.48 3.30
C ASN A 187 -1.32 -15.30 2.76
N ARG A 188 -1.14 -15.27 1.45
CA ARG A 188 -0.38 -14.20 0.82
C ARG A 188 -0.98 -12.84 1.08
N TYR A 189 -2.31 -12.78 1.29
CA TYR A 189 -2.98 -11.50 1.45
C TYR A 189 -2.53 -10.74 2.70
N ALA A 190 -1.88 -11.41 3.67
CA ALA A 190 -1.29 -10.69 4.79
C ALA A 190 -0.20 -9.71 4.33
N THR A 191 0.46 -10.01 3.21
CA THR A 191 1.41 -9.05 2.66
C THR A 191 0.76 -7.72 2.19
N TYR A 192 -0.56 -7.69 1.99
CA TYR A 192 -1.24 -6.53 1.44
C TYR A 192 -1.30 -5.38 2.45
N ASN A 193 -1.04 -5.68 3.73
CA ASN A 193 -0.67 -4.63 4.68
C ASN A 193 0.65 -4.99 5.47
N GLY A 194 1.57 -5.70 4.84
CA GLY A 194 2.90 -5.86 5.41
C GLY A 194 2.81 -6.56 6.76
N SER A 195 1.92 -7.56 6.85
CA SER A 195 1.79 -8.36 8.06
C SER A 195 2.13 -9.84 7.78
N SER A 196 1.99 -10.67 8.81
CA SER A 196 2.25 -12.13 8.71
C SER A 196 0.89 -12.88 8.79
N PRO A 197 0.67 -13.88 7.92
CA PRO A 197 -0.57 -14.65 7.94
C PRO A 197 -0.73 -15.46 9.22
N TYR A 198 0.38 -15.63 9.94
CA TYR A 198 0.44 -16.44 11.14
C TYR A 198 0.11 -15.60 12.35
N GLN A 199 0.00 -14.30 12.19
CA GLN A 199 -0.34 -13.40 13.30
C GLN A 199 -1.51 -12.52 13.03
N THR A 200 -1.62 -12.01 11.81
CA THR A 200 -2.70 -11.07 11.44
C THR A 200 -4.09 -11.73 11.59
N PRO A 201 -5.09 -10.96 11.99
CA PRO A 201 -6.41 -11.58 12.20
C PRO A 201 -7.13 -12.07 10.96
N GLY A 202 -8.10 -12.93 11.22
CA GLY A 202 -8.86 -13.63 10.18
C GLY A 202 -9.73 -12.72 9.33
N ILE A 203 -9.93 -11.48 9.78
CA ILE A 203 -10.71 -10.48 9.01
C ILE A 203 -10.05 -10.18 7.64
N MET A 204 -8.77 -10.52 7.53
CA MET A 204 -8.00 -10.24 6.32
C MET A 204 -8.34 -11.20 5.16
N THR A 205 -9.14 -12.24 5.42
CA THR A 205 -9.66 -13.02 4.33
C THR A 205 -10.58 -12.17 3.40
N MET A 206 -11.02 -10.99 3.82
CA MET A 206 -11.77 -10.12 2.93
C MET A 206 -10.92 -9.57 1.77
N ILE A 207 -9.60 -9.51 1.96
CA ILE A 207 -8.73 -8.86 0.99
C ILE A 207 -8.79 -9.43 -0.42
N PRO A 208 -8.77 -10.78 -0.58
CA PRO A 208 -8.91 -11.27 -1.98
C PRO A 208 -10.19 -10.84 -2.69
N HIS A 209 -11.27 -10.52 -1.95
CA HIS A 209 -12.53 -9.99 -2.57
C HIS A 209 -12.29 -8.75 -3.44
N LEU A 210 -11.28 -8.00 -3.05
CA LEU A 210 -11.00 -6.75 -3.76
C LEU A 210 -10.56 -7.01 -5.19
N GLU A 211 -9.66 -7.97 -5.37
CA GLU A 211 -9.11 -8.25 -6.67
C GLU A 211 -9.91 -9.33 -7.45
N LEU A 212 -10.61 -10.21 -6.75
CA LEU A 212 -11.32 -11.35 -7.32
C LEU A 212 -12.84 -11.20 -7.43
N GLY A 213 -13.45 -10.38 -6.61
CA GLY A 213 -14.89 -10.10 -6.76
C GLY A 213 -15.14 -8.74 -7.33
N LEU A 214 -14.29 -7.78 -7.01
CA LEU A 214 -14.47 -6.40 -7.45
C LEU A 214 -13.65 -5.99 -8.63
N GLY A 215 -12.78 -6.87 -9.08
CA GLY A 215 -12.01 -6.61 -10.26
C GLY A 215 -10.58 -6.24 -9.98
N THR A 216 -9.73 -6.62 -10.94
CA THR A 216 -8.32 -6.19 -11.02
C THR A 216 -8.23 -5.33 -12.26
N TYR A 217 -7.69 -4.14 -12.11
CA TYR A 217 -7.60 -3.15 -13.18
C TYR A 217 -6.16 -2.74 -13.51
N TYR A 218 -6.01 -2.13 -14.68
CA TYR A 218 -4.73 -1.56 -15.11
C TYR A 218 -5.02 -0.16 -15.69
N PRO A 219 -4.36 0.89 -15.11
CA PRO A 219 -4.55 2.23 -15.62
C PRO A 219 -3.72 2.42 -16.88
N ASP A 220 -4.27 3.15 -17.85
CA ASP A 220 -3.44 3.62 -18.99
C ASP A 220 -2.18 4.40 -18.53
N GLY A 221 -1.03 4.00 -19.04
CA GLY A 221 0.25 4.62 -18.61
C GLY A 221 0.85 4.00 -17.37
N GLY A 222 0.21 2.94 -16.87
CA GLY A 222 0.70 2.31 -15.67
C GLY A 222 0.28 3.00 -14.38
N MET A 223 0.79 2.44 -13.28
CA MET A 223 0.41 2.88 -11.97
C MET A 223 0.80 4.35 -11.71
N HIS A 224 1.91 4.80 -12.28
CA HIS A 224 2.32 6.19 -12.18
C HIS A 224 1.19 7.20 -12.58
N ARG A 225 0.31 6.80 -13.48
CA ARG A 225 -0.73 7.66 -13.91
C ARG A 225 -1.75 7.99 -12.81
N ILE A 226 -1.85 7.11 -11.82
CA ILE A 226 -2.66 7.37 -10.65
C ILE A 226 -2.20 8.64 -9.86
N SER A 227 -0.94 8.68 -9.40
CA SER A 227 -0.46 9.89 -8.71
C SER A 227 -0.35 11.07 -9.67
N GLN A 228 -0.02 10.83 -10.90
CA GLN A 228 0.28 11.97 -11.78
C GLN A 228 -1.00 12.67 -12.30
N SER A 229 -2.04 11.89 -12.60
CA SER A 229 -3.33 12.45 -12.97
C SER A 229 -3.83 13.30 -11.83
N LEU A 230 -3.72 12.78 -10.61
CA LEU A 230 -4.14 13.54 -9.47
C LEU A 230 -3.31 14.82 -9.24
N PHE A 231 -2.00 14.74 -9.45
CA PHE A 231 -1.13 15.90 -9.40
C PHE A 231 -1.58 16.98 -10.45
N GLU A 232 -1.80 16.51 -11.67
CA GLU A 232 -2.20 17.40 -12.77
C GLU A 232 -3.55 18.10 -12.41
N LEU A 233 -4.48 17.33 -11.86
CA LEU A 233 -5.71 17.87 -11.53
C LEU A 233 -5.56 18.97 -10.49
N ALA A 234 -4.88 18.62 -9.39
CA ALA A 234 -4.56 19.53 -8.31
C ALA A 234 -3.97 20.85 -8.83
N GLN A 235 -2.99 20.74 -9.72
CA GLN A 235 -2.34 21.92 -10.25
C GLN A 235 -3.33 22.79 -11.03
N LYS A 236 -4.22 22.14 -11.76
CA LYS A 236 -5.19 22.85 -12.58
C LYS A 236 -6.24 23.54 -11.74
N VAL A 237 -6.52 23.03 -10.55
CA VAL A 237 -7.59 23.62 -9.76
C VAL A 237 -7.04 24.61 -8.76
N GLY A 238 -5.78 24.97 -8.91
CA GLY A 238 -5.20 26.01 -8.07
C GLY A 238 -4.35 25.58 -6.87
N VAL A 239 -4.09 24.29 -6.69
CA VAL A 239 -3.26 23.88 -5.54
C VAL A 239 -1.86 24.32 -5.92
N LYS A 240 -1.17 24.96 -5.00
CA LYS A 240 0.21 25.37 -5.23
C LYS A 240 1.16 24.35 -4.65
N PHE A 241 2.35 24.31 -5.25
CA PHE A 241 3.37 23.34 -4.97
C PHE A 241 4.71 24.01 -4.76
N ARG A 242 5.40 23.57 -3.71
CA ARG A 242 6.75 23.95 -3.39
C ARG A 242 7.62 22.71 -3.34
N PHE A 243 8.29 22.41 -4.42
CA PHE A 243 9.07 21.20 -4.53
C PHE A 243 10.49 21.44 -4.04
N ARG A 244 11.17 20.34 -3.82
CA ARG A 244 12.53 20.35 -3.28
C ARG A 244 12.64 21.29 -2.11
N GLU A 245 11.65 21.22 -1.24
CA GLU A 245 11.63 22.06 -0.08
C GLU A 245 11.03 21.27 1.06
N SER A 246 11.91 20.70 1.86
CA SER A 246 11.50 19.87 2.99
C SER A 246 11.03 20.71 4.16
N VAL A 247 9.88 20.35 4.75
CA VAL A 247 9.41 20.97 5.98
C VAL A 247 10.28 20.45 7.15
N THR A 248 10.84 21.36 7.95
CA THR A 248 11.74 21.01 9.06
C THR A 248 11.05 21.12 10.40
N ASN A 249 10.00 21.92 10.48
CA ASN A 249 9.32 22.16 11.75
C ASN A 249 7.89 22.55 11.49
N ILE A 250 6.99 22.11 12.38
CA ILE A 250 5.60 22.54 12.37
C ILE A 250 5.49 23.54 13.51
N THR A 251 4.97 24.72 13.21
CA THR A 251 4.92 25.82 14.17
C THR A 251 3.55 25.88 14.79
N THR A 252 3.57 26.15 16.09
CA THR A 252 2.37 26.34 16.85
C THR A 252 2.49 27.58 17.73
N SER A 253 1.39 27.89 18.39
CA SER A 253 1.35 28.86 19.46
C SER A 253 0.09 28.56 20.26
N LYS A 254 0.20 28.45 21.58
CA LYS A 254 -0.96 28.28 22.46
C LYS A 254 -1.79 27.10 21.96
N ASN A 255 -1.05 26.03 21.71
CA ASN A 255 -1.63 24.72 21.32
C ASN A 255 -2.50 24.69 20.08
N LYS A 256 -2.24 25.62 19.15
CA LYS A 256 -2.84 25.61 17.80
C LYS A 256 -1.71 25.79 16.81
N VAL A 257 -1.84 25.12 15.67
CA VAL A 257 -0.87 25.19 14.57
C VAL A 257 -0.90 26.58 13.96
N THR A 258 0.27 27.10 13.61
CA THR A 258 0.36 28.37 12.90
C THR A 258 0.96 28.25 11.47
N GLY A 259 1.50 27.09 11.14
CA GLY A 259 2.15 26.96 9.87
C GLY A 259 3.35 26.07 9.94
N VAL A 260 4.25 26.26 9.00
CA VAL A 260 5.44 25.41 8.96
C VAL A 260 6.67 26.25 8.72
N GLU A 261 7.83 25.69 9.02
CA GLU A 261 9.10 26.21 8.59
C GLU A 261 9.81 25.23 7.69
N THR A 262 10.65 25.77 6.80
CA THR A 262 11.57 25.03 5.93
C THR A 262 12.90 25.72 6.01
N LYS A 263 13.93 25.13 5.40
CA LYS A 263 15.22 25.80 5.30
C LYS A 263 15.13 27.18 4.65
N ASN A 264 14.06 27.46 3.92
CA ASN A 264 13.92 28.70 3.17
C ASN A 264 13.15 29.79 3.88
N GLY A 265 12.53 29.50 5.00
CA GLY A 265 11.77 30.51 5.72
C GLY A 265 10.61 29.93 6.48
N SER A 266 9.73 30.79 6.98
CA SER A 266 8.53 30.37 7.69
C SER A 266 7.32 30.71 6.84
N TYR A 267 6.28 29.91 6.98
CA TYR A 267 5.03 30.11 6.25
C TYR A 267 3.86 29.91 7.22
N LEU A 268 2.83 30.73 7.09
CA LEU A 268 1.68 30.65 7.97
C LEU A 268 0.52 29.98 7.24
N SER A 269 -0.30 29.28 7.97
CA SER A 269 -1.54 28.72 7.48
C SER A 269 -2.51 28.60 8.62
N ASP A 270 -3.78 28.50 8.25
CA ASP A 270 -4.85 28.21 9.22
C ASP A 270 -4.92 26.72 9.59
N LEU A 271 -4.49 25.86 8.68
CA LEU A 271 -4.54 24.39 8.83
C LEU A 271 -3.24 23.83 8.35
N VAL A 272 -2.82 22.78 8.99
CA VAL A 272 -1.70 21.99 8.51
C VAL A 272 -2.12 20.52 8.46
N VAL A 273 -1.82 19.85 7.37
CA VAL A 273 -2.17 18.42 7.20
C VAL A 273 -0.88 17.69 6.87
N SER A 274 -0.38 16.83 7.74
CA SER A 274 0.91 16.14 7.42
C SER A 274 0.67 14.81 6.74
N ASN A 275 1.31 14.65 5.59
CA ASN A 275 1.30 13.38 4.83
C ASN A 275 2.63 12.71 5.03
N MET A 276 3.42 13.26 5.98
CA MET A 276 4.67 12.62 6.37
C MET A 276 4.39 11.44 7.36
N ASP A 277 5.24 10.42 7.30
CA ASP A 277 5.24 9.34 8.28
C ASP A 277 5.16 9.92 9.68
N ILE A 278 4.25 9.32 10.48
CA ILE A 278 3.82 9.89 11.73
C ILE A 278 5.04 9.91 12.69
N VAL A 279 5.99 9.01 12.52
CA VAL A 279 7.16 8.96 13.44
C VAL A 279 8.08 10.18 13.30
N PRO A 280 8.65 10.42 12.12
CA PRO A 280 9.38 11.70 12.02
C PRO A 280 8.47 12.95 12.14
N THR A 281 7.18 12.86 11.85
CA THR A 281 6.33 14.04 12.11
C THR A 281 6.55 14.55 13.57
N TYR A 282 6.49 13.65 14.53
CA TYR A 282 6.76 14.01 15.92
C TYR A 282 8.27 14.19 16.19
N ARG A 283 9.06 13.19 15.87
CA ARG A 283 10.47 13.17 16.22
C ARG A 283 11.19 14.37 15.60
N ASN A 284 10.96 14.64 14.32
CA ASN A 284 11.65 15.74 13.60
C ASN A 284 10.93 17.06 13.57
N LEU A 285 9.67 17.04 13.18
CA LEU A 285 8.89 18.27 12.99
C LEU A 285 8.16 18.84 14.17
N MET A 286 7.91 18.04 15.23
CA MET A 286 7.27 18.56 16.41
C MET A 286 8.13 18.25 17.66
N LYS A 287 9.43 18.55 17.59
CA LYS A 287 10.36 18.22 18.67
C LYS A 287 9.94 18.78 20.04
N ASP A 288 9.16 19.88 20.03
CA ASP A 288 8.73 20.52 21.31
C ASP A 288 7.37 20.10 21.80
N VAL A 289 6.81 19.07 21.20
CA VAL A 289 5.48 18.62 21.53
C VAL A 289 5.59 17.20 22.09
N PRO A 290 4.74 16.88 23.08
CA PRO A 290 4.68 15.52 23.63
C PRO A 290 4.13 14.48 22.63
N ALA A 291 4.90 13.44 22.39
CA ALA A 291 4.56 12.38 21.42
C ALA A 291 3.72 11.22 22.06
N PRO A 292 2.66 10.72 21.38
CA PRO A 292 1.97 9.49 21.84
C PRO A 292 2.92 8.29 21.68
N GLU A 293 3.75 8.02 22.69
CA GLU A 293 4.87 7.08 22.59
C GLU A 293 4.53 5.62 22.22
N LYS A 294 3.40 5.15 22.74
CA LYS A 294 2.95 3.80 22.43
C LYS A 294 2.48 3.69 20.97
N THR A 295 1.72 4.67 20.50
CA THR A 295 1.30 4.73 19.10
C THR A 295 2.54 4.67 18.22
N LEU A 296 3.54 5.51 18.51
CA LEU A 296 4.74 5.58 17.68
C LEU A 296 5.62 4.35 17.80
N SER A 297 5.46 3.61 18.86
CA SER A 297 6.24 2.40 19.06
C SER A 297 5.59 1.13 18.51
N GLN A 298 4.35 1.20 18.04
CA GLN A 298 3.71 0.01 17.41
C GLN A 298 4.69 -0.65 16.41
N GLU A 299 4.78 -1.99 16.44
CA GLU A 299 5.49 -2.78 15.41
C GLU A 299 5.27 -2.33 13.97
N ARG A 300 6.37 -2.31 13.22
CA ARG A 300 6.38 -1.75 11.94
C ARG A 300 6.07 -2.89 10.93
N SER A 301 5.27 -2.56 9.92
CA SER A 301 5.03 -3.50 8.81
C SER A 301 6.31 -3.92 8.15
N SER A 302 6.25 -4.94 7.35
CA SER A 302 7.32 -5.29 6.47
C SER A 302 7.57 -4.21 5.39
N SER A 303 8.72 -4.32 4.80
CA SER A 303 9.23 -3.57 3.72
C SER A 303 9.37 -4.48 2.49
N ALA A 304 10.27 -4.12 1.60
CA ALA A 304 10.51 -4.87 0.40
C ALA A 304 11.91 -4.68 -0.14
N LEU A 305 12.32 -5.61 -0.97
CA LEU A 305 13.56 -5.53 -1.72
C LEU A 305 13.13 -5.78 -3.16
N ILE A 306 13.51 -4.88 -4.07
CA ILE A 306 13.07 -5.01 -5.40
C ILE A 306 14.23 -4.84 -6.36
N PHE A 307 14.26 -5.72 -7.36
CA PHE A 307 15.18 -5.61 -8.46
C PHE A 307 14.36 -5.25 -9.67
N TYR A 308 14.78 -4.22 -10.39
CA TYR A 308 14.18 -3.90 -11.66
C TYR A 308 15.16 -4.33 -12.78
N TRP A 309 14.73 -5.30 -13.58
CA TRP A 309 15.54 -5.88 -14.61
C TRP A 309 14.87 -5.69 -15.96
N GLY A 310 15.64 -5.24 -16.93
CA GLY A 310 15.23 -5.33 -18.31
C GLY A 310 15.59 -6.72 -18.73
N ILE A 311 14.73 -7.34 -19.54
CA ILE A 311 14.83 -8.75 -19.83
C ILE A 311 14.74 -8.91 -21.31
N ASP A 312 15.73 -9.55 -21.92
CA ASP A 312 15.81 -9.55 -23.42
C ASP A 312 15.00 -10.61 -24.18
N ARG A 313 13.94 -11.11 -23.55
CA ARG A 313 13.02 -12.01 -24.24
C ARG A 313 11.65 -11.98 -23.57
N GLU A 314 10.74 -12.79 -24.08
CA GLU A 314 9.38 -12.86 -23.59
C GLU A 314 9.09 -14.17 -22.88
N PHE A 315 8.15 -14.13 -21.96
CA PHE A 315 7.75 -15.28 -21.16
C PHE A 315 6.26 -15.38 -21.26
N PRO A 316 5.78 -16.16 -22.23
CA PRO A 316 4.36 -16.30 -22.50
C PRO A 316 3.56 -16.86 -21.31
N GLU A 317 4.20 -17.61 -20.43
CA GLU A 317 3.57 -18.12 -19.25
C GLU A 317 3.34 -17.09 -18.15
N LEU A 318 3.87 -15.90 -18.34
CA LEU A 318 3.72 -14.88 -17.34
C LEU A 318 2.73 -13.83 -17.79
N ASP A 319 1.90 -13.42 -16.87
CA ASP A 319 0.96 -12.35 -17.12
C ASP A 319 1.49 -11.08 -16.41
N LEU A 320 0.66 -10.08 -16.07
CA LEU A 320 1.03 -8.85 -15.41
C LEU A 320 1.57 -9.02 -14.01
N HIS A 321 0.87 -9.84 -13.24
CA HIS A 321 1.10 -10.14 -11.84
C HIS A 321 1.37 -11.66 -11.74
N ASN A 322 2.58 -12.05 -11.31
CA ASN A 322 2.98 -13.44 -11.14
C ASN A 322 3.63 -13.64 -9.79
N ILE A 323 3.36 -14.77 -9.13
CA ILE A 323 4.00 -15.15 -7.87
C ILE A 323 4.70 -16.56 -7.99
N LEU A 324 5.92 -16.66 -7.46
CA LEU A 324 6.65 -17.92 -7.32
C LEU A 324 6.76 -18.12 -5.83
N PHE A 325 5.94 -19.05 -5.35
CA PHE A 325 5.80 -19.28 -3.93
C PHE A 325 7.01 -20.01 -3.29
N SER A 326 7.47 -19.50 -2.13
CA SER A 326 8.45 -20.19 -1.27
C SER A 326 7.93 -21.56 -0.89
N GLU A 327 8.84 -22.50 -0.71
CA GLU A 327 8.45 -23.84 -0.27
CA GLU A 327 8.52 -23.86 -0.27
C GLU A 327 8.18 -23.86 1.22
N ASP A 328 8.46 -22.77 1.91
CA ASP A 328 8.30 -22.74 3.35
C ASP A 328 7.92 -21.33 3.80
N TYR A 329 6.62 -21.02 3.73
CA TYR A 329 6.11 -19.69 4.02
C TYR A 329 6.26 -19.33 5.46
N LYS A 330 6.09 -20.32 6.36
CA LYS A 330 6.17 -20.04 7.77
C LYS A 330 7.57 -19.57 8.15
N THR A 331 8.60 -20.19 7.60
CA THR A 331 9.96 -19.73 7.83
C THR A 331 10.19 -18.35 7.20
N GLU A 332 9.57 -18.14 6.05
CA GLU A 332 9.72 -16.86 5.35
C GLU A 332 9.27 -15.69 6.24
N PHE A 333 8.10 -15.80 6.84
CA PHE A 333 7.61 -14.75 7.68
C PHE A 333 8.34 -14.65 9.03
N GLU A 334 8.77 -15.80 9.57
CA GLU A 334 9.50 -15.85 10.83
C GLU A 334 10.78 -15.01 10.73
N HIS A 335 11.59 -15.26 9.70
CA HIS A 335 12.78 -14.43 9.40
C HIS A 335 12.46 -12.95 9.37
N ILE A 336 11.41 -12.60 8.62
CA ILE A 336 11.06 -11.20 8.44
C ILE A 336 10.63 -10.53 9.74
N PHE A 337 9.70 -11.12 10.46
CA PHE A 337 9.16 -10.45 11.61
C PHE A 337 9.83 -10.79 12.92
N GLU A 338 10.36 -12.00 13.05
CA GLU A 338 10.92 -12.43 14.36
C GLU A 338 12.39 -12.02 14.46
N HIS A 339 13.15 -12.23 13.37
CA HIS A 339 14.59 -12.05 13.35
C HIS A 339 15.07 -10.85 12.55
N LYS A 340 14.21 -10.25 11.73
CA LYS A 340 14.58 -9.14 10.83
C LYS A 340 15.64 -9.52 9.83
N THR A 341 15.44 -10.66 9.20
CA THR A 341 16.32 -11.12 8.19
C THR A 341 15.52 -11.76 7.08
N LEU A 342 16.21 -12.45 6.18
CA LEU A 342 15.64 -12.99 4.99
C LEU A 342 15.82 -14.52 4.97
N ALA A 343 14.72 -15.26 4.75
CA ALA A 343 14.85 -16.70 4.58
C ALA A 343 15.51 -16.99 3.25
N GLN A 344 16.08 -18.19 3.14
CA GLN A 344 16.77 -18.50 1.94
C GLN A 344 15.88 -18.91 0.79
N ASP A 345 14.62 -19.31 1.01
CA ASP A 345 13.75 -19.56 -0.15
C ASP A 345 12.61 -18.54 -0.23
N PRO A 346 12.77 -17.50 -1.04
CA PRO A 346 11.80 -16.39 -1.00
C PRO A 346 10.56 -16.63 -1.88
N THR A 347 9.47 -15.98 -1.52
CA THR A 347 8.35 -15.78 -2.43
C THR A 347 8.67 -14.58 -3.33
N VAL A 348 8.70 -14.83 -4.65
CA VAL A 348 9.06 -13.83 -5.62
C VAL A 348 7.84 -13.35 -6.42
N TYR A 349 7.59 -12.04 -6.38
CA TYR A 349 6.57 -11.40 -7.19
C TYR A 349 7.22 -10.78 -8.42
N ILE A 350 6.71 -11.14 -9.59
CA ILE A 350 7.23 -10.59 -10.82
C ILE A 350 6.07 -9.88 -11.47
N ASN A 351 6.22 -8.54 -11.56
CA ASN A 351 5.27 -7.64 -12.27
C ASN A 351 5.86 -7.16 -13.57
N ILE A 352 5.05 -7.17 -14.62
CA ILE A 352 5.51 -6.88 -15.98
C ILE A 352 4.49 -6.01 -16.72
N THR A 353 4.60 -4.68 -16.58
CA THR A 353 3.62 -3.79 -17.20
C THR A 353 3.66 -3.82 -18.73
N SER A 354 4.80 -4.24 -19.28
CA SER A 354 4.92 -4.41 -20.74
C SER A 354 3.91 -5.38 -21.33
N LYS A 355 3.25 -6.18 -20.50
CA LYS A 355 2.19 -7.07 -20.96
C LYS A 355 0.97 -6.27 -21.30
N GLU A 356 0.80 -5.10 -20.69
CA GLU A 356 -0.35 -4.23 -20.96
C GLU A 356 0.02 -3.02 -21.83
N SER A 357 1.22 -2.49 -21.66
CA SER A 357 1.67 -1.34 -22.47
C SER A 357 3.01 -1.70 -23.03
N SER A 358 3.00 -2.09 -24.28
CA SER A 358 4.20 -2.57 -24.93
C SER A 358 5.32 -1.52 -25.10
N ASN A 359 4.99 -0.23 -24.97
CA ASN A 359 6.03 0.81 -24.93
C ASN A 359 6.89 0.78 -23.69
N ASP A 360 6.55 -0.06 -22.69
CA ASP A 360 7.30 -0.08 -21.43
C ASP A 360 8.60 -0.83 -21.52
N ALA A 361 8.80 -1.51 -22.66
CA ALA A 361 10.02 -2.24 -22.94
C ALA A 361 10.33 -2.20 -24.42
N PRO A 362 11.58 -2.47 -24.78
CA PRO A 362 11.89 -2.70 -26.20
C PRO A 362 11.00 -3.85 -26.71
N ALA A 363 10.78 -3.85 -28.02
CA ALA A 363 9.97 -4.88 -28.72
C ALA A 363 10.56 -6.27 -28.43
N GLY A 364 9.74 -7.17 -27.89
CA GLY A 364 10.24 -8.52 -27.64
C GLY A 364 10.95 -8.66 -26.30
N HIS A 365 10.98 -7.59 -25.49
CA HIS A 365 11.56 -7.60 -24.16
C HIS A 365 10.44 -7.46 -23.10
N GLU A 366 10.84 -7.53 -21.83
CA GLU A 366 9.94 -7.38 -20.72
C GLU A 366 10.59 -6.54 -19.66
N ASN A 367 9.75 -5.82 -18.91
CA ASN A 367 10.23 -4.93 -17.85
C ASN A 367 9.86 -5.48 -16.47
N TRP A 368 10.72 -6.33 -15.95
CA TRP A 368 10.44 -7.08 -14.71
C TRP A 368 10.67 -6.26 -13.46
N PHE A 369 9.62 -6.16 -12.66
CA PHE A 369 9.69 -5.60 -11.32
C PHE A 369 9.67 -6.84 -10.43
N VAL A 370 10.73 -7.05 -9.64
CA VAL A 370 10.95 -8.38 -9.02
C VAL A 370 11.13 -8.14 -7.56
N MET A 371 10.10 -8.51 -6.81
CA MET A 371 10.03 -8.11 -5.46
C MET A 371 9.90 -9.29 -4.50
N ILE A 372 10.63 -9.21 -3.39
CA ILE A 372 10.47 -10.10 -2.29
C ILE A 372 10.12 -9.31 -1.06
N ASN A 373 9.41 -9.96 -0.16
CA ASN A 373 9.09 -9.32 1.11
CA ASN A 373 9.06 -9.42 1.14
C ASN A 373 10.34 -9.28 1.99
N ALA A 374 10.47 -8.20 2.74
CA ALA A 374 11.71 -7.93 3.47
C ALA A 374 11.42 -7.19 4.76
N PRO A 375 12.29 -7.39 5.78
CA PRO A 375 12.22 -6.65 7.00
C PRO A 375 12.60 -5.20 6.74
N GLY A 376 12.14 -4.30 7.56
CA GLY A 376 12.55 -2.92 7.51
C GLY A 376 14.05 -2.85 7.85
N ASP A 377 14.59 -1.64 7.80
CA ASP A 377 16.03 -1.51 8.10
C ASP A 377 16.14 -1.39 9.61
N TYR A 378 16.79 -2.36 10.23
CA TYR A 378 17.17 -2.30 11.66
C TYR A 378 18.67 -2.45 11.89
N GLY A 379 19.50 -1.99 10.94
CA GLY A 379 20.95 -2.12 11.07
C GLY A 379 21.55 -3.34 10.43
N GLN A 380 20.82 -4.02 9.57
CA GLN A 380 21.37 -5.15 8.88
C GLN A 380 22.46 -4.66 7.95
N ASP A 381 23.34 -5.58 7.55
CA ASP A 381 24.22 -5.40 6.39
C ASP A 381 23.44 -5.67 5.11
N TRP A 382 22.88 -4.58 4.58
CA TRP A 382 22.05 -4.59 3.35
C TRP A 382 22.83 -4.97 2.10
N GLU A 383 24.12 -4.65 2.06
CA GLU A 383 24.93 -5.06 0.89
C GLU A 383 25.00 -6.59 0.73
N GLN A 384 25.24 -7.27 1.83
CA GLN A 384 25.25 -8.72 1.86
C GLN A 384 23.86 -9.31 1.59
N LEU A 385 22.85 -8.79 2.28
CA LEU A 385 21.46 -9.21 2.05
C LEU A 385 21.04 -9.14 0.57
N VAL A 386 21.40 -8.04 -0.10
CA VAL A 386 21.06 -7.85 -1.52
C VAL A 386 21.78 -8.89 -2.37
N GLU A 387 23.05 -9.12 -2.04
CA GLU A 387 23.86 -10.05 -2.82
C GLU A 387 23.26 -11.42 -2.63
N GLU A 388 22.99 -11.78 -1.38
CA GLU A 388 22.39 -13.09 -1.12
C GLU A 388 21.03 -13.22 -1.81
N SER A 389 20.18 -12.21 -1.70
CA SER A 389 18.81 -12.34 -2.20
C SER A 389 18.81 -12.51 -3.67
N LYS A 390 19.67 -11.76 -4.36
CA LYS A 390 19.79 -11.89 -5.78
C LYS A 390 20.00 -13.33 -6.18
N LYS A 391 20.97 -14.01 -5.55
CA LYS A 391 21.24 -15.38 -5.95
C LYS A 391 20.04 -16.30 -5.63
N GLN A 392 19.39 -16.13 -4.48
CA GLN A 392 18.20 -16.92 -4.12
C GLN A 392 17.00 -16.69 -5.07
N ILE A 393 16.86 -15.45 -5.49
CA ILE A 393 15.73 -15.09 -6.41
C ILE A 393 16.01 -15.73 -7.74
N ILE A 394 17.25 -15.65 -8.20
CA ILE A 394 17.61 -16.32 -9.43
C ILE A 394 17.44 -17.84 -9.32
N ALA A 395 17.82 -18.40 -8.17
CA ALA A 395 17.59 -19.83 -7.94
C ALA A 395 16.07 -20.20 -7.99
N LYS A 396 15.25 -19.33 -7.43
CA LYS A 396 13.79 -19.52 -7.38
C LYS A 396 13.18 -19.51 -8.76
N ILE A 397 13.68 -18.62 -9.62
CA ILE A 397 13.18 -18.51 -10.98
C ILE A 397 13.60 -19.74 -11.81
N LYS A 398 14.81 -20.29 -11.56
CA LYS A 398 15.19 -21.58 -12.19
C LYS A 398 14.27 -22.70 -11.76
N LYS A 399 13.97 -22.81 -10.46
CA LYS A 399 13.11 -23.90 -10.00
C LYS A 399 11.74 -23.81 -10.64
N CYS A 400 11.18 -22.60 -10.70
CA CYS A 400 9.78 -22.45 -11.16
C CYS A 400 9.58 -22.26 -12.63
N LEU A 401 10.48 -21.51 -13.29
CA LEU A 401 10.28 -21.22 -14.68
C LEU A 401 11.29 -21.91 -15.56
N HIS A 402 12.30 -22.57 -15.00
CA HIS A 402 13.25 -23.44 -15.75
C HIS A 402 14.12 -22.66 -16.72
N VAL A 403 14.58 -21.53 -16.22
CA VAL A 403 15.39 -20.64 -17.00
C VAL A 403 16.36 -19.96 -16.02
N ASP A 404 17.53 -19.63 -16.54
CA ASP A 404 18.51 -18.88 -15.81
C ASP A 404 18.34 -17.43 -16.22
N ILE A 405 17.62 -16.66 -15.41
CA ILE A 405 17.23 -15.32 -15.85
C ILE A 405 18.47 -14.38 -16.01
N SER A 406 19.56 -14.71 -15.31
CA SER A 406 20.80 -13.94 -15.36
C SER A 406 21.38 -13.81 -16.76
N LYS A 407 20.97 -14.67 -17.67
CA LYS A 407 21.42 -14.60 -19.04
C LYS A 407 20.61 -13.61 -19.85
N HIS A 408 19.64 -12.95 -19.23
CA HIS A 408 18.73 -12.14 -20.00
C HIS A 408 18.61 -10.73 -19.45
N ILE A 409 19.27 -10.46 -18.33
CA ILE A 409 19.22 -9.15 -17.69
C ILE A 409 20.09 -8.17 -18.50
N THR A 410 19.44 -7.11 -19.00
CA THR A 410 20.12 -6.12 -19.81
C THR A 410 20.42 -4.86 -19.04
N THR A 411 19.71 -4.62 -17.94
CA THR A 411 19.97 -3.50 -17.05
C THR A 411 19.37 -3.82 -15.70
N GLU A 412 19.82 -3.16 -14.67
CA GLU A 412 19.35 -3.43 -13.29
C GLU A 412 19.28 -2.18 -12.42
N TYR A 413 18.16 -2.04 -11.74
CA TYR A 413 18.06 -1.06 -10.67
C TYR A 413 17.62 -1.83 -9.45
N ILE A 414 18.04 -1.39 -8.26
CA ILE A 414 17.68 -2.06 -7.01
C ILE A 414 17.11 -1.04 -6.03
N LEU A 415 16.01 -1.42 -5.40
CA LEU A 415 15.42 -0.68 -4.32
C LEU A 415 15.31 -1.53 -3.03
N THR A 416 15.93 -1.07 -1.94
CA THR A 416 15.94 -1.79 -0.69
C THR A 416 15.14 -1.01 0.29
N PRO A 417 14.92 -1.56 1.52
CA PRO A 417 14.23 -0.80 2.52
C PRO A 417 14.93 0.52 2.92
N GLN A 418 16.24 0.61 2.68
CA GLN A 418 16.92 1.91 2.87
C GLN A 418 16.54 2.98 1.84
N GLY A 419 16.43 2.57 0.60
CA GLY A 419 15.99 3.40 -0.46
C GLY A 419 14.56 3.82 -0.22
N ILE A 420 13.72 2.88 0.26
CA ILE A 420 12.32 3.20 0.47
C ILE A 420 12.21 4.28 1.57
N GLU A 421 12.99 4.10 2.64
CA GLU A 421 13.00 5.03 3.72
C GLU A 421 13.48 6.43 3.29
N LYS A 422 14.48 6.48 2.44
CA LYS A 422 15.03 7.75 2.02
C LYS A 422 14.08 8.49 1.08
N ASN A 423 13.53 7.71 0.13
CA ASN A 423 12.66 8.26 -0.91
C ASN A 423 11.52 9.10 -0.37
N THR A 424 10.88 8.65 0.71
CA THR A 424 9.66 9.25 1.13
C THR A 424 9.60 9.50 2.62
N SER A 425 10.71 9.23 3.32
CA SER A 425 10.83 9.39 4.74
C SER A 425 9.97 8.42 5.52
N SER A 426 9.80 7.23 4.96
CA SER A 426 9.08 6.15 5.61
C SER A 426 9.97 5.39 6.63
N TYR A 427 9.61 5.48 7.88
CA TYR A 427 10.42 5.00 8.98
C TYR A 427 10.57 3.48 8.89
N ARG A 428 11.83 3.06 8.92
CA ARG A 428 12.24 1.70 8.70
C ARG A 428 12.04 1.20 7.27
N GLY A 429 11.58 2.04 6.32
CA GLY A 429 11.27 1.53 4.99
C GLY A 429 9.96 0.73 4.95
N ALA A 430 9.21 0.74 6.04
CA ALA A 430 7.93 0.01 6.14
C ALA A 430 6.96 0.48 5.04
N LEU A 431 6.27 -0.44 4.42
CA LEU A 431 5.44 -0.09 3.23
C LEU A 431 4.08 0.38 3.66
N TYR A 432 3.65 -0.02 4.86
CA TYR A 432 2.25 0.15 5.31
C TYR A 432 2.12 0.67 6.71
N GLY A 433 3.11 1.44 7.18
CA GLY A 433 3.00 1.99 8.52
C GLY A 433 3.17 0.87 9.52
N ALA A 434 2.43 0.92 10.61
CA ALA A 434 2.43 -0.14 11.57
C ALA A 434 1.87 -1.43 10.92
N ALA A 435 2.44 -2.57 11.31
CA ALA A 435 1.95 -3.91 10.95
C ALA A 435 0.57 -4.15 11.57
N SER A 436 -0.12 -5.19 11.07
CA SER A 436 -1.42 -5.56 11.65
C SER A 436 -1.34 -6.97 12.20
N ASN A 437 -0.38 -7.18 13.10
CA ASN A 437 -0.06 -8.56 13.55
C ASN A 437 -0.80 -8.88 14.85
N ASN A 438 -1.81 -8.07 15.20
CA ASN A 438 -2.81 -8.52 16.17
C ASN A 438 -4.08 -7.74 16.00
N LYS A 439 -5.10 -8.13 16.77
CA LYS A 439 -6.45 -7.68 16.48
C LYS A 439 -6.70 -6.24 16.97
N PHE A 440 -5.80 -5.71 17.78
CA PHE A 440 -5.91 -4.34 18.28
C PHE A 440 -5.31 -3.33 17.30
N ALA A 441 -4.20 -3.71 16.65
CA ALA A 441 -3.36 -2.79 15.83
C ALA A 441 -4.11 -1.77 14.96
N ALA A 442 -5.20 -2.18 14.30
CA ALA A 442 -6.00 -1.25 13.52
C ALA A 442 -6.59 -0.16 14.39
N PHE A 443 -7.03 -0.53 15.57
CA PHE A 443 -7.68 0.38 16.50
C PHE A 443 -6.65 1.17 17.29
N LEU A 444 -5.36 0.89 17.12
CA LEU A 444 -4.34 1.62 17.85
C LEU A 444 -3.53 2.61 16.98
N ARG A 445 -4.00 2.88 15.75
CA ARG A 445 -3.33 3.88 14.85
C ARG A 445 -3.59 5.32 15.20
N HIS A 446 -2.63 6.20 14.90
CA HIS A 446 -2.82 7.62 15.15
C HIS A 446 -4.04 8.14 14.37
N PRO A 447 -4.92 8.86 15.04
CA PRO A 447 -6.04 9.47 14.33
C PRO A 447 -5.62 10.54 13.34
N ASN A 448 -6.58 10.99 12.57
CA ASN A 448 -6.34 11.96 11.53
C ASN A 448 -6.30 13.37 12.10
N PHE A 449 -6.87 13.56 13.29
CA PHE A 449 -6.74 14.83 14.05
C PHE A 449 -5.61 14.70 15.07
N ASN A 450 -5.32 15.80 15.74
CA ASN A 450 -4.29 15.79 16.78
C ASN A 450 -4.87 16.35 18.05
N GLY A 451 -4.79 15.58 19.13
CA GLY A 451 -5.44 15.94 20.39
C GLY A 451 -4.75 17.04 21.18
N LYS A 452 -3.48 17.30 20.87
CA LYS A 452 -2.74 18.39 21.51
C LYS A 452 -2.77 19.66 20.70
N ILE A 453 -2.70 19.56 19.38
CA ILE A 453 -2.54 20.72 18.54
C ILE A 453 -3.74 20.87 17.66
N LYS A 454 -4.52 21.89 17.97
CA LYS A 454 -5.71 22.19 17.21
C LYS A 454 -5.32 22.65 15.76
N ASN A 455 -6.13 22.19 14.80
CA ASN A 455 -5.98 22.49 13.39
C ASN A 455 -4.85 21.79 12.67
N LEU A 456 -4.20 20.84 13.37
CA LEU A 456 -3.24 19.93 12.82
C LEU A 456 -3.85 18.56 12.59
N TYR A 457 -3.64 18.05 11.39
CA TYR A 457 -4.25 16.82 10.87
C TYR A 457 -3.19 15.90 10.26
N HIS A 458 -3.54 14.62 10.06
CA HIS A 458 -2.56 13.66 9.59
C HIS A 458 -3.24 12.72 8.58
N VAL A 459 -2.50 12.42 7.53
CA VAL A 459 -3.08 11.72 6.39
C VAL A 459 -2.04 10.79 5.87
N GLY A 460 -2.48 9.64 5.44
CA GLY A 460 -1.62 8.70 4.75
C GLY A 460 -1.40 7.40 5.51
N GLY A 461 -0.44 6.63 5.03
CA GLY A 461 -0.34 5.21 5.27
C GLY A 461 0.18 4.78 6.63
N SER A 462 0.71 5.73 7.41
CA SER A 462 1.19 5.46 8.76
C SER A 462 0.17 5.79 9.86
N VAL A 463 -0.95 6.38 9.47
CA VAL A 463 -2.05 6.72 10.40
C VAL A 463 -3.37 6.02 9.99
N HIS A 464 -4.43 6.33 10.70
CA HIS A 464 -5.77 5.85 10.44
C HIS A 464 -6.26 6.22 9.06
N PRO A 465 -6.88 5.27 8.33
CA PRO A 465 -7.24 3.92 8.78
C PRO A 465 -6.24 2.88 8.40
N GLY A 466 -5.23 3.21 7.60
CA GLY A 466 -4.28 2.22 7.15
C GLY A 466 -3.45 2.49 5.90
N GLY A 467 -2.47 1.59 5.73
CA GLY A 467 -1.63 1.49 4.53
C GLY A 467 -2.35 1.10 3.26
N GLY A 468 -1.70 1.43 2.11
CA GLY A 468 -2.16 1.05 0.80
C GLY A 468 -3.04 2.13 0.23
N ILE A 469 -3.19 2.12 -1.09
CA ILE A 469 -3.91 3.14 -1.79
C ILE A 469 -5.35 3.40 -1.28
N PRO A 470 -6.24 2.38 -1.29
CA PRO A 470 -7.63 2.60 -0.86
C PRO A 470 -7.75 3.24 0.51
N LEU A 471 -7.04 2.71 1.50
CA LEU A 471 -7.10 3.26 2.83
C LEU A 471 -6.44 4.65 2.97
N CYS A 472 -5.28 4.89 2.33
CA CYS A 472 -4.71 6.24 2.29
C CYS A 472 -5.72 7.24 1.70
N LEU A 473 -6.44 6.85 0.64
CA LEU A 473 -7.50 7.69 0.13
C LEU A 473 -8.62 7.92 1.11
N LEU A 474 -8.98 6.93 1.91
CA LEU A 474 -9.96 7.15 2.94
C LEU A 474 -9.50 8.09 4.05
N SER A 475 -8.20 7.99 4.39
CA SER A 475 -7.50 8.90 5.29
C SER A 475 -7.79 10.36 4.93
N ALA A 476 -7.61 10.67 3.67
CA ALA A 476 -7.81 12.01 3.17
C ALA A 476 -9.29 12.39 3.25
N GLN A 477 -10.18 11.46 2.89
CA GLN A 477 -11.63 11.75 2.98
C GLN A 477 -12.05 12.06 4.39
N ILE A 478 -11.60 11.24 5.34
CA ILE A 478 -11.96 11.43 6.71
C ILE A 478 -11.37 12.76 7.23
N THR A 479 -10.11 13.02 6.89
CA THR A 479 -9.45 14.26 7.31
C THR A 479 -10.23 15.47 6.80
N ALA A 480 -10.64 15.42 5.56
CA ALA A 480 -11.37 16.54 5.00
C ALA A 480 -12.79 16.73 5.61
N ASP A 481 -13.40 15.62 6.02
CA ASP A 481 -14.72 15.66 6.63
C ASP A 481 -14.64 16.30 8.00
N LEU A 482 -13.71 15.81 8.81
CA LEU A 482 -13.39 16.41 10.10
C LEU A 482 -13.26 17.95 9.99
N ILE A 483 -12.46 18.41 9.04
CA ILE A 483 -12.17 19.84 8.87
C ILE A 483 -13.43 20.61 8.53
N GLN A 484 -14.22 20.05 7.62
CA GLN A 484 -15.47 20.68 7.24
C GLN A 484 -16.41 20.75 8.46
N LYS A 485 -16.36 19.73 9.33
CA LYS A 485 -17.21 19.70 10.51
C LYS A 485 -16.82 20.82 11.41
N GLU A 486 -15.51 20.93 11.62
CA GLU A 486 -14.93 21.91 12.50
C GLU A 486 -15.25 23.33 11.98
N GLN A 487 -15.18 23.52 10.67
CA GLN A 487 -15.56 24.78 10.11
C GLN A 487 -17.00 25.09 10.58
N LEU A 488 -17.95 24.19 10.33
CA LEU A 488 -19.35 24.43 10.66
C LEU A 488 -19.57 24.80 12.14
N GLU A 489 -18.96 24.06 13.06
CA GLU A 489 -18.97 24.43 14.48
C GLU A 489 -18.48 25.84 14.68
PA FAD B . 3.77 8.45 0.61
O1A FAD B . 4.34 7.83 1.70
O2A FAD B . 3.78 7.77 -0.60
O5B FAD B . 4.54 9.78 0.35
C5B FAD B . 4.66 10.77 1.29
C4B FAD B . 5.26 12.04 0.71
O4B FAD B . 5.59 12.96 1.70
C3B FAD B . 6.53 11.72 -0.03
O3B FAD B . 6.48 12.31 -1.32
C2B FAD B . 7.56 12.37 0.87
O2B FAD B . 8.69 12.73 0.14
C1B FAD B . 6.82 13.54 1.43
N9A FAD B . 7.47 14.09 2.64
C8A FAD B . 7.84 13.42 3.70
N7A FAD B . 8.42 14.21 4.61
C5A FAD B . 8.41 15.44 4.13
C6A FAD B . 8.85 16.75 4.60
N6A FAD B . 9.41 16.93 5.79
N1A FAD B . 8.65 17.77 3.80
C2A FAD B . 8.07 17.62 2.62
N3A FAD B . 7.64 16.49 2.13
C4A FAD B . 7.78 15.36 2.84
N1 FAD B . -0.17 -0.19 -1.77
C2 FAD B . -1.21 -0.78 -2.40
O2 FAD B . -2.33 -0.49 -2.05
N3 FAD B . -1.05 -1.64 -3.39
C4 FAD B . 0.14 -2.01 -3.82
O4 FAD B . 0.31 -2.80 -4.73
C4X FAD B . 1.33 -1.43 -3.16
N5 FAD B . 2.56 -1.75 -3.54
C5X FAD B . 3.61 -1.19 -2.97
C6 FAD B . 4.87 -1.52 -3.42
C7 FAD B . 5.98 -0.95 -2.85
C7M FAD B . 7.36 -1.28 -3.27
C8 FAD B . 5.83 0.03 -1.80
C8M FAD B . 7.03 0.65 -1.19
C9 FAD B . 4.58 0.36 -1.35
C9A FAD B . 3.45 -0.19 -1.88
N10 FAD B . 2.19 0.14 -1.44
C10 FAD B . 1.09 -0.44 -2.09
C1' FAD B . 2.00 1.05 -0.36
C2' FAD B . 1.53 2.39 -0.79
O2' FAD B . 2.42 2.82 -1.77
C3' FAD B . 1.54 3.34 0.38
O3' FAD B . 1.03 2.78 1.59
C4' FAD B . 0.83 4.63 -0.05
O4' FAD B . 0.97 4.95 -1.45
C5' FAD B . 1.49 5.80 0.66
O5' FAD B . 0.76 6.96 0.52
P FAD B . 1.05 8.13 1.46
O1P FAD B . 1.33 7.61 2.74
O2P FAD B . -0.02 8.98 1.33
O3P FAD B . 2.31 8.88 0.86
C1 GOL C . 18.61 -2.50 -23.40
O1 GOL C . 18.83 -1.35 -22.63
C2 GOL C . 17.85 -1.89 -24.54
O2 GOL C . 16.70 -2.70 -24.80
C3 GOL C . 18.60 -1.82 -25.84
O3 GOL C . 17.80 -2.64 -26.73
#